data_2VSF
#
_entry.id   2VSF
#
_cell.length_a   78.890
_cell.length_b   78.890
_cell.length_c   174.040
_cell.angle_alpha   90.00
_cell.angle_beta   90.00
_cell.angle_gamma   120.00
#
_symmetry.space_group_name_H-M   'P 65'
#
loop_
_entity.id
_entity.type
_entity.pdbx_description
1 polymer 'DNA REPAIR HELICASE RAD3 RELATED PROTEIN'
2 non-polymer 'IRON/SULFUR CLUSTER'
3 non-polymer 'CALCIUM ION'
4 water water
#
_entity_poly.entity_id   1
_entity_poly.type   'polypeptide(L)'
_entity_poly.pdbx_seq_one_letter_code
;MQKSYGVALESPTGSGKTIMALKSALQYSSERKLKVLYLVRTNSQEEQVIKELRSLSSTMKIRAIPMQGRVNMCILYRMV
DDLHEINAESLAKFCNMKKREVMAGNEAACPYFNFKIRSDETKRFLFDELPTAEEFYDYGERNNVCPYESMKAALPDADI
VIAPYAYFLNRSVAEKFLSHWGVSRNQIVIILDEAHNLPDIGRSIGSFRISVESLNRADREAQAYGDPELSQKIHVSDLI
EMIRSALQSMVSERCGKGDVRIRFQEFMEYMRIMNKRSEREIRSLLNYLYLFGEYVENEKEKVGKVPFSYCSSVASRIIA
FSDQDEEKYAAILSPEDGGYMQAACLDPSGILEVLKESKTIHMSGTLDPFDFYSDITGFEIPFKKIGEIFPPENRYIAYY
DGVSSKYDTLDEKELDRMATVIEDIILKVKKNTIVYFPSYSLMDRVENRVSFEHMKEYRGIDQKELYSMLKKFRRDHGTI
FAVSGGRLSEGINFPGNELEMIILAGLPFPRPDAINRSLFDYYERKYGKGWEYSVVYPTAIKIRQEIGRLIRSAEDTGAC
VILDKRAGQFRKFIPDMKKTSDPASDIYNFFISAQAREKYGA
;
_entity_poly.pdbx_strand_id   A
#
loop_
_chem_comp.id
_chem_comp.type
_chem_comp.name
_chem_comp.formula
CA non-polymer 'CALCIUM ION' 'Ca 2'
SF4 non-polymer 'IRON/SULFUR CLUSTER' 'Fe4 S4'
#
# COMPACT_ATOMS: atom_id res chain seq x y z
N TYR A 5 7.61 20.89 -13.04
CA TYR A 5 7.33 19.50 -13.49
C TYR A 5 6.15 18.83 -12.78
N GLY A 6 5.59 19.49 -11.77
CA GLY A 6 4.48 18.92 -11.02
C GLY A 6 3.60 19.97 -10.37
N VAL A 7 2.43 19.53 -9.89
CA VAL A 7 1.51 20.40 -9.14
C VAL A 7 0.82 19.57 -8.07
N ALA A 8 0.71 20.12 -6.86
CA ALA A 8 -0.01 19.45 -5.79
C ALA A 8 -1.31 20.19 -5.47
N LEU A 9 -2.43 19.48 -5.53
CA LEU A 9 -3.75 20.06 -5.27
C LEU A 9 -4.44 19.45 -4.06
N GLU A 10 -5.20 20.27 -3.33
CA GLU A 10 -6.02 19.81 -2.22
C GLU A 10 -7.49 20.14 -2.43
N SER A 11 -8.32 19.11 -2.58
CA SER A 11 -9.76 19.27 -2.64
C SER A 11 -10.40 18.64 -1.40
N PRO A 12 -11.29 19.38 -0.72
CA PRO A 12 -12.14 18.77 0.30
C PRO A 12 -12.81 17.49 -0.23
N THR A 13 -12.76 16.45 0.59
CA THR A 13 -12.90 15.06 0.14
C THR A 13 -14.16 14.67 -0.64
N GLY A 14 -14.04 13.60 -1.44
CA GLY A 14 -15.20 12.83 -1.89
C GLY A 14 -15.93 13.34 -3.12
N SER A 15 -16.19 12.44 -4.06
CA SER A 15 -16.90 12.73 -5.31
C SER A 15 -16.52 14.09 -5.91
N GLY A 16 -15.36 14.14 -6.54
CA GLY A 16 -14.83 15.38 -7.10
C GLY A 16 -13.32 15.30 -7.31
N LYS A 17 -12.63 14.72 -6.34
CA LYS A 17 -11.17 14.56 -6.38
C LYS A 17 -10.60 14.30 -7.79
N THR A 18 -11.20 13.36 -8.53
CA THR A 18 -10.67 12.94 -9.85
C THR A 18 -11.32 13.66 -11.04
N ILE A 19 -12.52 14.21 -10.83
CA ILE A 19 -13.17 15.10 -11.80
C ILE A 19 -12.42 16.43 -11.86
N MET A 20 -12.06 16.95 -10.69
CA MET A 20 -11.26 18.16 -10.57
C MET A 20 -9.89 17.99 -11.24
N ALA A 21 -9.38 16.76 -11.23
CA ALA A 21 -8.08 16.45 -11.82
C ALA A 21 -8.05 16.74 -13.32
N LEU A 22 -8.93 16.10 -14.09
CA LEU A 22 -9.03 16.37 -15.52
C LEU A 22 -9.52 17.80 -15.77
N LYS A 23 -10.29 18.34 -14.83
CA LYS A 23 -10.68 19.75 -14.87
C LYS A 23 -9.52 20.68 -14.52
N SER A 24 -8.49 20.15 -13.86
CA SER A 24 -7.24 20.88 -13.64
C SER A 24 -6.07 20.20 -14.37
N ALA A 25 -6.39 19.25 -15.24
CA ALA A 25 -5.37 18.56 -16.05
C ALA A 25 -5.85 18.27 -17.48
N LEU A 26 -6.83 19.03 -17.96
CA LEU A 26 -7.05 19.11 -19.41
C LEU A 26 -5.98 20.05 -19.96
N GLN A 27 -5.35 20.79 -19.05
CA GLN A 27 -4.07 21.44 -19.30
C GLN A 27 -3.13 20.37 -19.84
N TYR A 28 -2.42 20.67 -20.93
CA TYR A 28 -1.65 19.67 -21.69
C TYR A 28 -2.62 18.61 -22.25
N SER A 29 -2.91 17.57 -21.44
CA SER A 29 -3.76 16.43 -21.83
C SER A 29 -3.51 15.87 -23.25
N SER A 30 -4.02 16.55 -24.28
CA SER A 30 -3.95 16.03 -25.65
C SER A 30 -3.44 17.00 -26.73
N GLU A 31 -3.20 18.25 -26.37
CA GLU A 31 -2.69 19.23 -27.34
C GLU A 31 -1.20 19.04 -27.64
N ARG A 32 -0.49 18.45 -26.67
CA ARG A 32 0.93 18.13 -26.82
C ARG A 32 1.15 16.61 -26.82
N LYS A 33 0.29 15.89 -27.54
CA LYS A 33 0.36 14.41 -27.67
C LYS A 33 0.13 13.63 -26.36
N LEU A 34 0.22 14.31 -25.22
CA LEU A 34 0.42 13.63 -23.94
C LEU A 34 -0.64 12.57 -23.60
N LYS A 35 -0.21 11.59 -22.82
CA LYS A 35 -1.08 10.55 -22.31
C LYS A 35 -1.31 10.80 -20.84
N VAL A 36 -2.52 10.50 -20.37
CA VAL A 36 -2.88 10.66 -18.97
C VAL A 36 -2.83 9.31 -18.28
N LEU A 37 -1.89 9.15 -17.34
CA LEU A 37 -1.76 7.93 -16.55
C LEU A 37 -2.32 8.19 -15.16
N TYR A 38 -3.12 7.26 -14.67
CA TYR A 38 -3.69 7.35 -13.32
C TYR A 38 -3.14 6.22 -12.48
N LEU A 39 -2.31 6.58 -11.51
CA LEU A 39 -1.75 5.61 -10.59
C LEU A 39 -2.64 5.53 -9.35
N VAL A 40 -2.90 4.31 -8.87
CA VAL A 40 -3.80 4.06 -7.75
C VAL A 40 -3.21 2.99 -6.83
N ARG A 41 -3.39 3.13 -5.51
CA ARG A 41 -2.77 2.18 -4.58
C ARG A 41 -3.61 0.90 -4.47
N THR A 42 -4.75 1.01 -3.80
CA THR A 42 -5.63 -0.14 -3.58
C THR A 42 -6.63 -0.23 -4.72
N ASN A 43 -7.22 -1.40 -4.91
CA ASN A 43 -8.22 -1.58 -5.95
C ASN A 43 -9.55 -0.89 -5.61
N SER A 44 -9.77 -0.64 -4.31
CA SER A 44 -10.93 0.11 -3.85
C SER A 44 -10.92 1.54 -4.38
N GLN A 45 -9.76 2.21 -4.30
CA GLN A 45 -9.60 3.57 -4.83
C GLN A 45 -9.73 3.57 -6.35
N GLU A 46 -9.12 2.58 -6.99
CA GLU A 46 -9.20 2.42 -8.45
C GLU A 46 -10.63 2.68 -8.92
N GLU A 47 -11.59 1.95 -8.35
CA GLU A 47 -12.97 2.05 -8.82
C GLU A 47 -13.64 3.37 -8.44
N GLN A 48 -13.19 4.01 -7.37
CA GLN A 48 -13.69 5.35 -7.03
C GLN A 48 -13.22 6.37 -8.08
N VAL A 49 -12.08 6.09 -8.71
CA VAL A 49 -11.60 6.91 -9.82
C VAL A 49 -12.42 6.59 -11.06
N ILE A 50 -12.51 5.30 -11.39
CA ILE A 50 -13.16 4.85 -12.62
C ILE A 50 -14.65 5.24 -12.66
N LYS A 51 -15.34 5.09 -11.52
CA LYS A 51 -16.73 5.55 -11.39
C LYS A 51 -16.85 7.02 -11.79
N GLU A 52 -15.86 7.82 -11.40
CA GLU A 52 -15.82 9.25 -11.76
C GLU A 52 -15.62 9.42 -13.26
N LEU A 53 -14.53 8.84 -13.78
CA LEU A 53 -14.25 8.84 -15.23
C LEU A 53 -15.46 8.36 -16.05
N ARG A 54 -16.16 7.35 -15.55
CA ARG A 54 -17.38 6.86 -16.19
C ARG A 54 -18.46 7.94 -16.25
N SER A 55 -18.59 8.72 -15.18
CA SER A 55 -19.61 9.79 -15.13
C SER A 55 -19.33 10.88 -16.16
N LEU A 56 -18.06 11.27 -16.25
CA LEU A 56 -17.65 12.32 -17.18
C LEU A 56 -17.52 11.85 -18.63
N SER A 57 -17.59 10.53 -18.85
CA SER A 57 -17.51 9.99 -20.20
C SER A 57 -18.60 10.57 -21.11
N SER A 58 -19.80 10.75 -20.56
CA SER A 58 -20.92 11.33 -21.32
C SER A 58 -20.79 12.84 -21.53
N THR A 59 -20.01 13.50 -20.67
CA THR A 59 -19.69 14.93 -20.84
C THR A 59 -18.96 15.12 -22.16
N MET A 60 -17.75 14.57 -22.25
CA MET A 60 -16.93 14.65 -23.45
C MET A 60 -16.06 13.40 -23.63
N LYS A 61 -15.44 13.28 -24.79
CA LYS A 61 -14.70 12.08 -25.21
C LYS A 61 -13.51 11.77 -24.29
N ILE A 62 -13.43 10.52 -23.85
CA ILE A 62 -12.29 10.00 -23.10
C ILE A 62 -12.20 8.47 -23.28
N ARG A 63 -11.04 8.00 -23.74
CA ARG A 63 -10.81 6.58 -24.01
C ARG A 63 -9.86 5.97 -22.95
N ALA A 64 -10.46 5.33 -21.96
CA ALA A 64 -9.71 4.82 -20.81
C ALA A 64 -9.73 3.29 -20.74
N ILE A 65 -8.63 2.72 -20.27
CA ILE A 65 -8.58 1.30 -19.93
C ILE A 65 -7.74 1.06 -18.67
N PRO A 66 -8.17 0.14 -17.80
CA PRO A 66 -7.34 -0.22 -16.68
C PRO A 66 -6.20 -1.10 -17.15
N MET A 67 -5.02 -0.94 -16.54
CA MET A 67 -3.88 -1.77 -16.89
C MET A 67 -3.25 -2.31 -15.62
N GLN A 68 -2.98 -3.61 -15.61
CA GLN A 68 -2.27 -4.27 -14.52
C GLN A 68 -1.37 -5.40 -15.05
N GLY A 69 -0.42 -5.81 -14.23
CA GLY A 69 0.50 -6.85 -14.65
C GLY A 69 -0.08 -8.25 -14.66
N ARG A 70 0.57 -9.13 -15.41
CA ARG A 70 0.26 -10.55 -15.41
C ARG A 70 0.08 -11.10 -14.01
N VAL A 71 0.93 -10.65 -13.08
CA VAL A 71 0.82 -11.10 -11.69
C VAL A 71 -0.62 -11.01 -11.20
N ASN A 72 -1.36 -10.01 -11.68
CA ASN A 72 -2.79 -9.87 -11.38
C ASN A 72 -3.71 -10.34 -12.50
N MET A 73 -3.34 -10.03 -13.74
CA MET A 73 -4.24 -10.18 -14.89
C MET A 73 -4.09 -11.49 -15.69
N CYS A 74 -3.08 -12.31 -15.39
CA CYS A 74 -2.93 -13.61 -16.03
C CYS A 74 -3.85 -14.59 -15.33
N ILE A 75 -4.73 -15.24 -16.09
CA ILE A 75 -5.67 -16.20 -15.52
C ILE A 75 -5.03 -17.57 -15.36
N LEU A 76 -4.37 -18.02 -16.42
CA LEU A 76 -3.85 -19.38 -16.50
C LEU A 76 -2.98 -19.77 -15.32
N TYR A 77 -2.10 -18.85 -14.88
CA TYR A 77 -0.97 -19.25 -14.02
C TYR A 77 -1.38 -19.76 -12.64
N ARG A 78 -2.59 -19.42 -12.19
CA ARG A 78 -3.09 -19.91 -10.90
C ARG A 78 -3.68 -21.33 -10.93
N MET A 79 -4.03 -21.81 -12.12
CA MET A 79 -4.48 -23.20 -12.28
C MET A 79 -3.30 -24.13 -12.51
N VAL A 80 -2.41 -23.73 -13.42
CA VAL A 80 -1.25 -24.55 -13.82
C VAL A 80 -0.25 -24.74 -12.68
N ASP A 81 -0.07 -23.69 -11.88
CA ASP A 81 0.80 -23.75 -10.71
C ASP A 81 0.19 -22.84 -9.62
N ASP A 82 0.75 -22.92 -8.42
CA ASP A 82 0.35 -22.01 -7.35
C ASP A 82 1.50 -21.82 -6.35
N LEU A 83 2.30 -20.78 -6.60
CA LEU A 83 3.48 -20.46 -5.84
C LEU A 83 3.17 -19.35 -4.84
N HIS A 84 3.91 -19.31 -3.73
CA HIS A 84 3.67 -18.32 -2.67
C HIS A 84 4.41 -16.98 -2.92
N GLU A 85 5.37 -16.98 -3.83
CA GLU A 85 5.94 -15.73 -4.36
C GLU A 85 6.09 -15.88 -5.86
N ILE A 86 6.11 -14.75 -6.57
CA ILE A 86 6.13 -14.74 -8.04
C ILE A 86 6.56 -13.36 -8.54
N ASN A 87 6.90 -13.24 -9.83
CA ASN A 87 7.18 -11.94 -10.44
C ASN A 87 6.88 -11.87 -11.94
N ALA A 88 6.82 -10.64 -12.45
CA ALA A 88 6.48 -10.35 -13.85
C ALA A 88 7.40 -11.01 -14.87
N GLU A 89 8.68 -11.10 -14.53
CA GLU A 89 9.69 -11.74 -15.35
C GLU A 89 9.28 -13.17 -15.66
N SER A 90 9.05 -13.96 -14.62
CA SER A 90 8.81 -15.39 -14.77
C SER A 90 7.51 -15.62 -15.52
N LEU A 91 6.50 -14.80 -15.23
CA LEU A 91 5.23 -14.86 -15.98
C LEU A 91 5.39 -14.49 -17.48
N ALA A 92 6.33 -13.60 -17.80
CA ALA A 92 6.64 -13.29 -19.20
C ALA A 92 7.07 -14.57 -19.92
N LYS A 93 8.17 -15.17 -19.46
CA LYS A 93 8.67 -16.41 -20.07
C LYS A 93 7.54 -17.43 -20.17
N PHE A 94 6.87 -17.65 -19.03
CA PHE A 94 5.78 -18.62 -18.95
C PHE A 94 4.78 -18.40 -20.07
N CYS A 95 4.27 -17.18 -20.14
CA CYS A 95 3.18 -16.83 -21.05
C CYS A 95 3.63 -16.87 -22.50
N ASN A 96 4.76 -16.23 -22.81
CA ASN A 96 5.32 -16.26 -24.17
C ASN A 96 5.42 -17.68 -24.74
N MET A 97 5.81 -18.63 -23.88
CA MET A 97 5.88 -20.02 -24.29
C MET A 97 4.50 -20.60 -24.57
N LYS A 98 3.51 -20.23 -23.76
CA LYS A 98 2.13 -20.69 -23.94
C LYS A 98 1.56 -20.15 -25.24
N LYS A 99 1.80 -18.87 -25.49
CA LYS A 99 1.38 -18.24 -26.74
C LYS A 99 2.04 -18.91 -27.95
N ARG A 100 3.28 -19.37 -27.76
CA ARG A 100 4.01 -20.14 -28.77
C ARG A 100 3.22 -21.41 -29.11
N GLU A 101 2.93 -22.20 -28.07
CA GLU A 101 2.22 -23.47 -28.23
C GLU A 101 0.83 -23.29 -28.85
N VAL A 102 0.17 -22.19 -28.54
CA VAL A 102 -1.14 -21.91 -29.12
C VAL A 102 -0.96 -21.57 -30.58
N MET A 103 -0.11 -20.58 -30.86
CA MET A 103 0.14 -20.14 -32.23
C MET A 103 0.71 -21.28 -33.10
N ALA A 104 1.47 -22.19 -32.48
CA ALA A 104 1.99 -23.38 -33.16
C ALA A 104 0.89 -24.37 -33.56
N GLY A 105 -0.19 -24.44 -32.79
CA GLY A 105 -1.30 -25.36 -33.07
C GLY A 105 -2.10 -25.89 -31.89
N ASN A 106 -1.57 -25.81 -30.67
CA ASN A 106 -2.25 -26.32 -29.48
C ASN A 106 -3.00 -25.22 -28.73
N GLU A 107 -4.22 -24.96 -29.18
CA GLU A 107 -5.08 -23.95 -28.57
C GLU A 107 -5.37 -24.23 -27.09
N ALA A 108 -5.42 -25.52 -26.73
CA ALA A 108 -5.63 -25.92 -25.34
C ALA A 108 -4.51 -25.42 -24.43
N ALA A 109 -3.30 -25.28 -24.98
CA ALA A 109 -2.12 -24.81 -24.23
C ALA A 109 -2.50 -23.72 -23.25
N CYS A 110 -3.09 -22.66 -23.77
CA CYS A 110 -3.72 -21.63 -22.96
C CYS A 110 -5.03 -21.24 -23.63
N PRO A 111 -6.17 -21.67 -23.06
CA PRO A 111 -7.44 -21.41 -23.73
C PRO A 111 -7.91 -19.94 -23.70
N TYR A 112 -7.14 -19.06 -23.07
CA TYR A 112 -7.51 -17.65 -22.98
C TYR A 112 -6.82 -16.78 -24.04
N PHE A 113 -6.03 -17.40 -24.91
CA PHE A 113 -5.26 -16.69 -25.94
C PHE A 113 -5.82 -17.01 -27.33
N ASN A 114 -6.57 -16.07 -27.90
CA ASN A 114 -7.37 -16.31 -29.11
C ASN A 114 -7.83 -15.00 -29.77
N PHE A 115 -8.66 -15.08 -30.81
CA PHE A 115 -9.13 -13.89 -31.52
C PHE A 115 -9.77 -12.82 -30.61
N LYS A 116 -10.43 -13.25 -29.54
CA LYS A 116 -11.14 -12.34 -28.66
C LYS A 116 -10.28 -11.27 -28.00
N ILE A 117 -8.96 -11.49 -27.92
CA ILE A 117 -8.06 -10.45 -27.40
C ILE A 117 -8.13 -9.16 -28.22
N ARG A 118 -8.44 -9.27 -29.52
CA ARG A 118 -8.48 -8.11 -30.44
C ARG A 118 -9.87 -7.77 -31.01
N SER A 119 -10.91 -8.45 -30.53
CA SER A 119 -12.25 -8.33 -31.13
C SER A 119 -12.96 -7.04 -30.71
N ASP A 120 -13.89 -6.60 -31.55
CA ASP A 120 -14.70 -5.42 -31.28
C ASP A 120 -15.47 -5.59 -29.98
N GLU A 121 -16.06 -6.77 -29.78
CA GLU A 121 -16.85 -7.09 -28.58
C GLU A 121 -16.04 -6.80 -27.31
N THR A 122 -14.82 -7.31 -27.25
CA THR A 122 -13.92 -7.11 -26.13
C THR A 122 -13.57 -5.64 -25.95
N LYS A 123 -13.13 -5.01 -27.04
CA LYS A 123 -12.70 -3.61 -26.99
C LYS A 123 -13.85 -2.66 -26.71
N ARG A 124 -15.06 -3.01 -27.15
CA ARG A 124 -16.24 -2.24 -26.80
C ARG A 124 -16.43 -2.22 -25.29
N PHE A 125 -16.39 -3.40 -24.68
CA PHE A 125 -16.52 -3.51 -23.23
C PHE A 125 -15.50 -2.62 -22.51
N LEU A 126 -14.24 -2.70 -22.92
CA LEU A 126 -13.18 -1.93 -22.25
C LEU A 126 -13.42 -0.41 -22.26
N PHE A 127 -13.93 0.13 -23.38
CA PHE A 127 -14.05 1.58 -23.54
C PHE A 127 -15.46 2.10 -23.26
N ASP A 128 -16.48 1.38 -23.69
CA ASP A 128 -17.87 1.85 -23.57
C ASP A 128 -18.42 1.66 -22.17
N GLU A 129 -17.85 0.69 -21.45
CA GLU A 129 -18.27 0.42 -20.07
C GLU A 129 -17.19 0.76 -19.05
N LEU A 130 -15.92 0.65 -19.46
CA LEU A 130 -14.77 1.08 -18.65
C LEU A 130 -14.73 0.41 -17.28
N PRO A 131 -14.45 -0.90 -17.25
CA PRO A 131 -14.46 -1.65 -16.00
C PRO A 131 -13.21 -1.38 -15.17
N THR A 132 -13.22 -1.85 -13.92
CA THR A 132 -12.00 -1.94 -13.13
C THR A 132 -11.20 -3.14 -13.64
N ALA A 133 -9.99 -3.31 -13.11
CA ALA A 133 -9.16 -4.45 -13.51
C ALA A 133 -9.78 -5.75 -12.98
N GLU A 134 -10.27 -5.71 -11.74
CA GLU A 134 -10.94 -6.84 -11.13
C GLU A 134 -12.19 -7.20 -11.93
N GLU A 135 -12.92 -6.18 -12.37
CA GLU A 135 -14.11 -6.37 -13.20
C GLU A 135 -13.76 -6.90 -14.59
N PHE A 136 -12.65 -6.43 -15.17
CA PHE A 136 -12.27 -6.90 -16.50
C PHE A 136 -11.67 -8.29 -16.46
N TYR A 137 -11.05 -8.62 -15.33
CA TYR A 137 -10.66 -9.99 -15.08
C TYR A 137 -11.88 -10.90 -15.10
N ASP A 138 -12.92 -10.56 -14.35
CA ASP A 138 -14.13 -11.38 -14.33
C ASP A 138 -14.73 -11.55 -15.72
N TYR A 139 -14.80 -10.45 -16.48
CA TYR A 139 -15.24 -10.51 -17.87
C TYR A 139 -14.43 -11.58 -18.59
N GLY A 140 -13.11 -11.43 -18.59
CA GLY A 140 -12.22 -12.35 -19.28
C GLY A 140 -12.43 -13.79 -18.85
N GLU A 141 -12.62 -14.01 -17.56
CA GLU A 141 -12.85 -15.34 -17.01
C GLU A 141 -14.08 -15.99 -17.64
N ARG A 142 -15.22 -15.32 -17.58
CA ARG A 142 -16.46 -15.90 -18.09
C ARG A 142 -16.46 -15.98 -19.61
N ASN A 143 -15.74 -15.07 -20.28
CA ASN A 143 -15.70 -15.05 -21.73
C ASN A 143 -14.55 -15.86 -22.33
N ASN A 144 -13.80 -16.54 -21.48
CA ASN A 144 -12.65 -17.33 -21.93
C ASN A 144 -11.74 -16.51 -22.83
N VAL A 145 -11.29 -15.36 -22.32
CA VAL A 145 -10.41 -14.45 -23.06
C VAL A 145 -9.44 -13.79 -22.07
N CYS A 146 -8.15 -13.80 -22.38
CA CYS A 146 -7.13 -13.31 -21.46
C CYS A 146 -7.27 -11.80 -21.18
N PRO A 147 -7.47 -11.41 -19.91
CA PRO A 147 -7.56 -10.00 -19.57
C PRO A 147 -6.30 -9.21 -19.92
N TYR A 148 -5.14 -9.72 -19.52
CA TYR A 148 -3.90 -8.97 -19.70
C TYR A 148 -3.67 -8.64 -21.17
N GLU A 149 -3.58 -9.67 -22.00
CA GLU A 149 -3.32 -9.46 -23.41
C GLU A 149 -4.35 -8.51 -24.01
N SER A 150 -5.61 -8.65 -23.59
CA SER A 150 -6.67 -7.74 -24.03
C SER A 150 -6.35 -6.29 -23.66
N MET A 151 -5.90 -6.05 -22.43
CA MET A 151 -5.57 -4.68 -22.00
C MET A 151 -4.46 -4.12 -22.88
N LYS A 152 -3.37 -4.86 -22.97
CA LYS A 152 -2.22 -4.52 -23.80
C LYS A 152 -2.59 -4.34 -25.28
N ALA A 153 -3.59 -5.09 -25.74
CA ALA A 153 -4.10 -4.95 -27.11
C ALA A 153 -4.86 -3.63 -27.29
N ALA A 154 -5.64 -3.26 -26.27
CA ALA A 154 -6.45 -2.04 -26.27
C ALA A 154 -5.64 -0.80 -25.95
N LEU A 155 -4.46 -1.01 -25.35
CA LEU A 155 -3.60 0.06 -24.83
C LEU A 155 -3.18 1.11 -25.87
N PRO A 156 -2.70 0.68 -27.04
CA PRO A 156 -2.13 1.66 -27.99
C PRO A 156 -3.15 2.66 -28.50
N ASP A 157 -4.43 2.28 -28.49
CA ASP A 157 -5.52 3.15 -28.88
C ASP A 157 -6.21 3.80 -27.66
N ALA A 158 -5.53 3.82 -26.52
CA ALA A 158 -6.08 4.39 -25.28
C ALA A 158 -5.38 5.70 -24.94
N ASP A 159 -6.16 6.76 -24.74
CA ASP A 159 -5.62 8.06 -24.34
C ASP A 159 -5.33 8.11 -22.84
N ILE A 160 -6.18 7.44 -22.06
CA ILE A 160 -6.06 7.43 -20.60
C ILE A 160 -5.90 5.99 -20.10
N VAL A 161 -5.12 5.82 -19.02
CA VAL A 161 -4.88 4.50 -18.46
C VAL A 161 -4.85 4.60 -16.94
N ILE A 162 -5.52 3.66 -16.28
CA ILE A 162 -5.59 3.59 -14.82
C ILE A 162 -4.84 2.36 -14.33
N ALA A 163 -3.71 2.56 -13.66
CA ALA A 163 -2.87 1.44 -13.22
C ALA A 163 -2.43 1.60 -11.76
N PRO A 164 -2.02 0.51 -11.11
CA PRO A 164 -1.46 0.63 -9.78
C PRO A 164 -0.06 1.28 -9.77
N TYR A 165 0.31 1.89 -8.65
CA TYR A 165 1.66 2.42 -8.50
C TYR A 165 2.66 1.28 -8.69
N ALA A 166 2.47 0.20 -7.92
CA ALA A 166 3.36 -0.96 -7.97
C ALA A 166 3.58 -1.53 -9.38
N TYR A 167 2.73 -1.17 -10.33
CA TYR A 167 2.92 -1.58 -11.71
C TYR A 167 3.92 -0.68 -12.41
N PHE A 168 3.66 0.62 -12.36
CA PHE A 168 4.47 1.57 -13.11
C PHE A 168 5.85 1.79 -12.48
N LEU A 169 5.89 1.88 -11.15
CA LEU A 169 7.14 2.14 -10.43
C LEU A 169 8.06 0.93 -10.40
N ASN A 170 7.62 -0.14 -11.07
CA ASN A 170 8.49 -1.26 -11.39
C ASN A 170 9.23 -0.94 -12.70
N ARG A 171 10.50 -0.57 -12.58
CA ARG A 171 11.26 0.00 -13.69
C ARG A 171 11.23 -0.85 -14.97
N SER A 172 11.62 -2.12 -14.87
CA SER A 172 11.62 -3.02 -16.03
C SER A 172 10.24 -3.20 -16.66
N VAL A 173 9.21 -3.25 -15.82
CA VAL A 173 7.83 -3.36 -16.30
C VAL A 173 7.39 -2.10 -17.04
N ALA A 174 7.64 -0.94 -16.45
CA ALA A 174 7.29 0.35 -17.08
C ALA A 174 7.82 0.49 -18.51
N GLU A 175 9.02 -0.01 -18.77
CA GLU A 175 9.66 0.10 -20.09
C GLU A 175 8.93 -0.67 -21.20
N LYS A 176 8.53 -1.91 -20.91
CA LYS A 176 7.69 -2.65 -21.84
C LYS A 176 6.34 -1.95 -22.02
N PHE A 177 5.74 -1.56 -20.90
CA PHE A 177 4.44 -0.89 -20.88
C PHE A 177 4.40 0.32 -21.81
N LEU A 178 5.44 1.14 -21.75
CA LEU A 178 5.54 2.34 -22.57
C LEU A 178 5.95 2.02 -24.02
N SER A 179 6.76 0.98 -24.20
CA SER A 179 7.15 0.52 -25.53
C SER A 179 5.95 0.05 -26.35
N HIS A 180 4.93 -0.46 -25.67
CA HIS A 180 3.70 -0.85 -26.33
C HIS A 180 2.77 0.34 -26.53
N TRP A 181 2.72 1.24 -25.55
CA TRP A 181 1.87 2.42 -25.64
C TRP A 181 2.31 3.38 -26.75
N GLY A 182 3.61 3.34 -27.09
CA GLY A 182 4.18 4.25 -28.08
C GLY A 182 4.72 5.52 -27.45
N VAL A 183 4.05 5.96 -26.37
CA VAL A 183 4.47 7.12 -25.60
C VAL A 183 5.81 6.89 -24.90
N SER A 184 6.52 7.98 -24.62
CA SER A 184 7.70 7.97 -23.75
C SER A 184 7.43 8.82 -22.52
N ARG A 185 8.32 8.74 -21.54
CA ARG A 185 8.13 9.42 -20.25
C ARG A 185 8.05 10.95 -20.43
N ASN A 186 8.69 11.47 -21.47
CA ASN A 186 8.51 12.84 -21.93
C ASN A 186 7.05 13.11 -22.31
N GLN A 187 6.48 12.21 -23.11
CA GLN A 187 5.15 12.40 -23.68
C GLN A 187 3.99 11.98 -22.76
N ILE A 188 4.26 11.82 -21.46
CA ILE A 188 3.27 11.33 -20.50
C ILE A 188 2.78 12.45 -19.58
N VAL A 189 1.60 12.24 -18.99
CA VAL A 189 1.22 12.97 -17.76
C VAL A 189 0.69 11.96 -16.75
N ILE A 190 1.08 12.12 -15.49
CA ILE A 190 0.77 11.14 -14.45
C ILE A 190 -0.02 11.81 -13.34
N ILE A 191 -1.21 11.32 -13.07
CA ILE A 191 -2.00 11.81 -11.94
C ILE A 191 -1.85 10.85 -10.80
N LEU A 192 -1.31 11.35 -9.69
CA LEU A 192 -1.07 10.57 -8.50
C LEU A 192 -2.31 10.61 -7.61
N ASP A 193 -3.13 9.57 -7.66
CA ASP A 193 -4.34 9.50 -6.85
C ASP A 193 -3.97 9.42 -5.38
N GLU A 194 -4.76 10.06 -4.52
CA GLU A 194 -4.51 10.02 -3.07
C GLU A 194 -3.01 10.10 -2.77
N ALA A 195 -2.34 11.10 -3.37
CA ALA A 195 -0.89 11.20 -3.30
C ALA A 195 -0.32 11.36 -1.89
N HIS A 196 -1.17 11.50 -0.88
CA HIS A 196 -0.69 11.48 0.51
C HIS A 196 0.00 10.17 0.88
N ASN A 197 -0.33 9.09 0.18
CA ASN A 197 0.34 7.79 0.33
C ASN A 197 1.68 7.70 -0.41
N LEU A 198 2.03 8.71 -1.21
CA LEU A 198 3.21 8.60 -2.07
C LEU A 198 4.47 8.24 -1.28
N PRO A 199 4.71 8.93 -0.15
CA PRO A 199 5.88 8.57 0.63
C PRO A 199 5.89 7.10 1.02
N ASP A 200 4.75 6.60 1.45
CA ASP A 200 4.66 5.24 1.97
C ASP A 200 4.75 4.22 0.85
N ILE A 201 4.19 4.56 -0.31
CA ILE A 201 4.27 3.69 -1.48
C ILE A 201 5.74 3.52 -1.88
N GLY A 202 6.50 4.60 -1.83
CA GLY A 202 7.91 4.55 -2.17
C GLY A 202 8.66 3.61 -1.25
N ARG A 203 8.55 3.86 0.06
CA ARG A 203 9.24 3.05 1.09
C ARG A 203 8.85 1.58 0.99
N SER A 204 7.59 1.32 0.68
CA SER A 204 7.08 -0.04 0.52
C SER A 204 7.71 -0.75 -0.69
N ILE A 205 7.55 -0.16 -1.87
CA ILE A 205 8.10 -0.70 -3.12
C ILE A 205 9.61 -0.87 -3.04
N GLY A 206 10.25 0.05 -2.33
CA GLY A 206 11.70 0.06 -2.24
C GLY A 206 12.26 -1.01 -1.35
N SER A 207 11.50 -1.42 -0.34
CA SER A 207 11.99 -2.39 0.64
C SER A 207 11.92 -3.82 0.14
N PHE A 208 12.73 -4.66 0.76
CA PHE A 208 12.64 -6.10 0.54
C PHE A 208 13.16 -6.82 1.77
N ARG A 209 12.85 -8.12 1.84
CA ARG A 209 13.24 -8.93 2.98
C ARG A 209 13.58 -10.34 2.58
N ILE A 210 14.34 -11.00 3.42
CA ILE A 210 14.65 -12.41 3.26
C ILE A 210 14.09 -13.07 4.51
N SER A 211 13.07 -13.91 4.34
CA SER A 211 12.39 -14.55 5.47
C SER A 211 12.73 -16.03 5.53
N VAL A 212 12.66 -16.59 6.73
CA VAL A 212 12.97 -18.00 6.95
C VAL A 212 12.10 -18.92 6.10
N GLU A 213 10.81 -18.62 6.02
CA GLU A 213 9.90 -19.49 5.27
C GLU A 213 10.22 -19.43 3.80
N SER A 214 10.86 -18.35 3.38
CA SER A 214 11.30 -18.23 1.99
C SER A 214 12.50 -19.13 1.74
N LEU A 215 13.37 -19.28 2.73
CA LEU A 215 14.49 -20.21 2.64
C LEU A 215 13.94 -21.62 2.65
N ASN A 216 13.07 -21.91 3.61
CA ASN A 216 12.39 -23.21 3.67
C ASN A 216 11.86 -23.61 2.30
N ARG A 217 11.23 -22.66 1.60
CA ARG A 217 10.70 -22.91 0.25
C ARG A 217 11.79 -23.28 -0.75
N ALA A 218 12.89 -22.55 -0.72
CA ALA A 218 14.01 -22.81 -1.64
C ALA A 218 14.68 -24.14 -1.33
N ASP A 219 14.56 -24.57 -0.08
CA ASP A 219 15.14 -25.82 0.36
C ASP A 219 14.41 -27.00 -0.28
N ARG A 220 13.08 -26.87 -0.43
CA ARG A 220 12.26 -27.89 -1.08
C ARG A 220 12.47 -27.88 -2.59
N GLU A 221 12.71 -26.70 -3.15
CA GLU A 221 13.05 -26.57 -4.56
C GLU A 221 14.40 -27.21 -4.83
N ALA A 222 15.33 -27.02 -3.89
CA ALA A 222 16.66 -27.58 -4.01
C ALA A 222 16.59 -29.09 -4.12
N GLN A 223 15.81 -29.70 -3.23
CA GLN A 223 15.68 -31.15 -3.23
C GLN A 223 14.97 -31.64 -4.49
N ALA A 224 14.01 -30.84 -4.98
CA ALA A 224 13.24 -31.20 -6.17
C ALA A 224 14.12 -31.29 -7.40
N TYR A 225 15.09 -30.39 -7.50
CA TYR A 225 15.90 -30.26 -8.71
C TYR A 225 17.35 -30.66 -8.49
N GLY A 226 17.55 -31.81 -7.87
CA GLY A 226 18.86 -32.45 -7.82
C GLY A 226 19.68 -32.20 -6.57
N ASP A 227 19.51 -31.05 -5.94
CA ASP A 227 20.34 -30.67 -4.81
C ASP A 227 21.80 -30.98 -5.12
N PRO A 228 22.34 -30.38 -6.20
CA PRO A 228 23.71 -30.63 -6.63
C PRO A 228 24.77 -29.94 -5.75
N GLU A 229 26.02 -30.09 -6.13
CA GLU A 229 27.13 -29.58 -5.34
C GLU A 229 27.48 -28.20 -5.85
N LEU A 230 27.23 -27.16 -5.04
CA LEU A 230 27.60 -25.79 -5.42
C LEU A 230 29.12 -25.63 -5.40
N SER A 231 29.72 -25.90 -4.24
CA SER A 231 31.16 -26.06 -4.13
C SER A 231 31.45 -27.55 -4.32
N GLN A 232 32.63 -28.01 -3.90
CA GLN A 232 32.94 -29.43 -3.96
C GLN A 232 32.06 -30.19 -2.97
N LYS A 233 32.10 -29.76 -1.71
CA LYS A 233 31.47 -30.47 -0.60
C LYS A 233 30.32 -29.69 0.05
N ILE A 234 29.90 -28.58 -0.56
CA ILE A 234 28.75 -27.81 -0.08
C ILE A 234 27.66 -27.80 -1.14
N HIS A 235 26.56 -28.46 -0.84
CA HIS A 235 25.41 -28.54 -1.75
C HIS A 235 24.51 -27.34 -1.58
N VAL A 236 23.57 -27.20 -2.54
CA VAL A 236 22.57 -26.14 -2.50
C VAL A 236 21.89 -26.17 -1.12
N SER A 237 21.38 -27.34 -0.75
CA SER A 237 20.73 -27.52 0.54
C SER A 237 21.61 -27.12 1.73
N ASP A 238 22.91 -27.37 1.63
CA ASP A 238 23.84 -27.01 2.69
C ASP A 238 23.97 -25.49 2.82
N LEU A 239 24.08 -24.81 1.68
CA LEU A 239 24.19 -23.36 1.66
C LEU A 239 22.94 -22.76 2.28
N ILE A 240 21.78 -23.28 1.90
CA ILE A 240 20.52 -22.78 2.43
C ILE A 240 20.50 -22.93 3.94
N GLU A 241 20.99 -24.07 4.43
CA GLU A 241 21.05 -24.31 5.86
C GLU A 241 21.99 -23.31 6.54
N MET A 242 23.08 -22.96 5.87
CA MET A 242 23.99 -21.94 6.40
C MET A 242 23.29 -20.57 6.51
N ILE A 243 22.51 -20.22 5.49
CA ILE A 243 21.89 -18.89 5.45
C ILE A 243 20.72 -18.78 6.44
N ARG A 244 19.97 -19.86 6.60
CA ARG A 244 18.84 -19.86 7.54
C ARG A 244 19.29 -19.82 9.00
N SER A 245 20.38 -20.52 9.32
CA SER A 245 20.90 -20.55 10.69
C SER A 245 21.61 -19.25 11.06
N ALA A 246 22.20 -18.57 10.08
CA ALA A 246 22.70 -17.21 10.30
C ALA A 246 21.55 -16.31 10.74
N LEU A 247 20.44 -16.41 10.02
CA LEU A 247 19.24 -15.62 10.30
C LEU A 247 18.63 -15.97 11.66
N GLN A 248 18.59 -17.25 11.96
CA GLN A 248 17.97 -17.74 13.20
C GLN A 248 18.80 -17.41 14.43
N SER A 249 20.12 -17.47 14.29
CA SER A 249 21.04 -17.09 15.36
C SER A 249 20.97 -15.60 15.59
N MET A 250 20.75 -14.85 14.51
CA MET A 250 20.63 -13.40 14.61
C MET A 250 19.33 -13.03 15.35
N VAL A 251 18.21 -13.64 14.95
CA VAL A 251 16.95 -13.33 15.61
C VAL A 251 16.98 -13.76 17.08
N SER A 252 17.52 -14.94 17.36
CA SER A 252 17.70 -15.41 18.75
C SER A 252 18.48 -14.40 19.59
N GLU A 253 19.69 -14.06 19.13
CA GLU A 253 20.65 -13.31 19.93
C GLU A 253 20.40 -11.82 19.98
N ARG A 254 19.97 -11.24 18.86
CA ARG A 254 19.99 -9.77 18.68
C ARG A 254 18.72 -9.06 19.13
N CYS A 255 17.58 -9.74 19.08
CA CYS A 255 16.31 -9.08 19.33
C CYS A 255 15.45 -9.78 20.39
N GLY A 256 14.75 -8.99 21.18
CA GLY A 256 13.93 -9.48 22.29
C GLY A 256 12.45 -9.28 22.02
N LYS A 257 11.89 -8.18 22.54
CA LYS A 257 10.45 -7.95 22.46
C LYS A 257 9.90 -7.68 21.04
N GLY A 258 10.76 -7.45 20.07
CA GLY A 258 10.29 -7.25 18.69
C GLY A 258 11.40 -6.94 17.72
N ASP A 259 11.11 -6.09 16.73
CA ASP A 259 12.09 -5.69 15.73
C ASP A 259 13.35 -5.11 16.36
N VAL A 260 14.43 -5.15 15.60
CA VAL A 260 15.69 -4.53 16.00
C VAL A 260 16.44 -4.07 14.76
N ARG A 261 17.10 -2.90 14.88
CA ARG A 261 17.98 -2.41 13.84
C ARG A 261 19.36 -3.06 13.98
N ILE A 262 19.88 -3.58 12.87
CA ILE A 262 21.24 -4.10 12.80
C ILE A 262 22.00 -3.42 11.65
N ARG A 263 23.25 -3.80 11.44
CA ARG A 263 24.06 -3.29 10.35
C ARG A 263 24.08 -4.34 9.25
N PHE A 264 24.06 -3.91 7.99
CA PHE A 264 23.93 -4.84 6.85
C PHE A 264 25.09 -5.83 6.75
N GLN A 265 26.28 -5.39 7.16
CA GLN A 265 27.46 -6.25 7.11
C GLN A 265 27.39 -7.36 8.16
N GLU A 266 26.48 -7.22 9.13
CA GLU A 266 26.38 -8.16 10.23
C GLU A 266 26.01 -9.57 9.77
N PHE A 267 25.04 -9.67 8.87
CA PHE A 267 24.66 -10.97 8.31
C PHE A 267 25.86 -11.76 7.79
N MET A 268 26.68 -11.11 6.98
CA MET A 268 27.87 -11.74 6.41
C MET A 268 28.85 -12.14 7.54
N GLU A 269 28.99 -11.25 8.53
CA GLU A 269 29.81 -11.55 9.71
C GLU A 269 29.32 -12.83 10.39
N TYR A 270 28.02 -12.88 10.70
CA TYR A 270 27.41 -14.08 11.24
C TYR A 270 27.64 -15.27 10.33
N MET A 271 27.57 -15.03 9.03
CA MET A 271 27.82 -16.06 8.03
C MET A 271 29.27 -16.56 8.10
N ARG A 272 30.20 -15.62 8.20
CA ARG A 272 31.63 -15.95 8.20
C ARG A 272 32.07 -16.69 9.45
N ILE A 273 31.72 -16.18 10.62
CA ILE A 273 32.15 -16.78 11.90
C ILE A 273 31.58 -18.18 12.09
N MET A 274 30.28 -18.34 11.85
CA MET A 274 29.61 -19.62 12.04
C MET A 274 30.21 -20.71 11.16
N ASN A 275 30.51 -20.38 9.91
CA ASN A 275 30.94 -21.38 8.93
C ASN A 275 32.44 -21.37 8.61
N LYS A 276 33.19 -20.48 9.25
CA LYS A 276 34.64 -20.39 9.08
C LYS A 276 35.06 -20.20 7.61
N ARG A 277 34.53 -19.17 6.98
CA ARG A 277 34.94 -18.75 5.62
C ARG A 277 34.94 -17.22 5.57
N SER A 278 35.59 -16.63 4.56
CA SER A 278 35.56 -15.17 4.35
C SER A 278 34.45 -14.79 3.36
N GLU A 279 34.46 -13.53 2.91
CA GLU A 279 33.44 -13.03 1.99
C GLU A 279 33.54 -13.68 0.61
N ARG A 280 34.71 -13.56 -0.02
CA ARG A 280 34.97 -14.18 -1.31
C ARG A 280 34.20 -15.49 -1.46
N GLU A 281 34.43 -16.41 -0.53
CA GLU A 281 33.82 -17.75 -0.58
C GLU A 281 32.30 -17.69 -0.49
N ILE A 282 31.80 -16.95 0.49
CA ILE A 282 30.38 -16.84 0.74
C ILE A 282 29.69 -16.08 -0.39
N ARG A 283 30.32 -15.01 -0.86
CA ARG A 283 29.81 -14.29 -2.03
C ARG A 283 29.67 -15.24 -3.21
N SER A 284 30.70 -16.07 -3.41
CA SER A 284 30.74 -16.99 -4.54
C SER A 284 29.65 -18.04 -4.44
N LEU A 285 29.54 -18.68 -3.27
CA LEU A 285 28.50 -19.67 -3.07
C LEU A 285 27.10 -19.06 -3.26
N LEU A 286 26.93 -17.81 -2.86
CA LEU A 286 25.66 -17.12 -3.08
C LEU A 286 25.40 -16.94 -4.57
N ASN A 287 26.46 -16.63 -5.32
CA ASN A 287 26.36 -16.51 -6.77
C ASN A 287 26.05 -17.87 -7.39
N TYR A 288 26.76 -18.91 -6.96
CA TYR A 288 26.51 -20.26 -7.46
C TYR A 288 25.09 -20.75 -7.17
N LEU A 289 24.45 -20.15 -6.15
CA LEU A 289 23.05 -20.47 -5.82
C LEU A 289 22.12 -19.79 -6.81
N TYR A 290 22.40 -18.54 -7.13
CA TYR A 290 21.62 -17.80 -8.12
C TYR A 290 21.67 -18.56 -9.43
N LEU A 291 22.86 -19.03 -9.79
CA LEU A 291 23.04 -19.83 -11.01
C LEU A 291 22.20 -21.11 -10.97
N PHE A 292 22.15 -21.77 -9.82
CA PHE A 292 21.29 -22.95 -9.67
C PHE A 292 19.85 -22.56 -9.91
N GLY A 293 19.44 -21.43 -9.34
CA GLY A 293 18.13 -20.87 -9.61
C GLY A 293 17.88 -20.75 -11.10
N GLU A 294 18.84 -20.20 -11.83
CA GLU A 294 18.72 -20.08 -13.29
C GLU A 294 18.52 -21.43 -13.94
N TYR A 295 19.17 -22.47 -13.42
CA TYR A 295 18.97 -23.82 -13.93
C TYR A 295 17.54 -24.30 -13.64
N VAL A 296 17.11 -24.14 -12.39
CA VAL A 296 15.73 -24.43 -11.98
C VAL A 296 14.74 -23.74 -12.91
N GLU A 297 14.92 -22.44 -13.13
CA GLU A 297 14.06 -21.67 -14.03
C GLU A 297 13.94 -22.30 -15.42
N ASN A 298 15.09 -22.66 -16.00
CA ASN A 298 15.11 -23.29 -17.33
C ASN A 298 14.42 -24.63 -17.32
N GLU A 299 14.64 -25.40 -16.26
CA GLU A 299 14.09 -26.74 -16.12
C GLU A 299 12.57 -26.69 -15.96
N LYS A 300 12.07 -25.71 -15.20
CA LYS A 300 10.62 -25.51 -15.06
C LYS A 300 10.00 -25.09 -16.38
N GLU A 301 10.67 -24.17 -17.06
CA GLU A 301 10.19 -23.65 -18.34
C GLU A 301 9.97 -24.76 -19.36
N LYS A 302 11.01 -25.56 -19.61
CA LYS A 302 10.95 -26.56 -20.70
C LYS A 302 9.86 -27.63 -20.50
N VAL A 303 9.32 -27.71 -19.28
CA VAL A 303 8.21 -28.62 -18.96
C VAL A 303 6.83 -27.97 -19.20
N GLY A 304 6.76 -26.65 -19.15
CA GLY A 304 5.50 -25.93 -19.28
C GLY A 304 5.06 -25.25 -18.01
N LYS A 305 5.89 -25.34 -16.97
CA LYS A 305 5.61 -24.68 -15.70
C LYS A 305 5.96 -23.18 -15.74
N VAL A 306 5.54 -22.48 -14.69
CA VAL A 306 5.94 -21.11 -14.48
C VAL A 306 7.37 -21.12 -13.97
N PRO A 307 8.31 -20.51 -14.70
CA PRO A 307 9.72 -20.65 -14.34
C PRO A 307 10.15 -19.67 -13.26
N PHE A 308 9.67 -19.88 -12.04
CA PHE A 308 10.06 -19.05 -10.90
C PHE A 308 10.84 -19.89 -9.91
N SER A 309 12.02 -19.40 -9.52
CA SER A 309 12.89 -20.12 -8.61
C SER A 309 13.03 -19.41 -7.27
N TYR A 310 12.73 -20.13 -6.19
CA TYR A 310 12.92 -19.59 -4.85
C TYR A 310 14.40 -19.38 -4.57
N CYS A 311 15.25 -20.30 -5.03
CA CYS A 311 16.70 -20.15 -4.88
C CYS A 311 17.25 -18.98 -5.69
N SER A 312 16.64 -18.68 -6.82
CA SER A 312 17.07 -17.55 -7.63
C SER A 312 16.66 -16.25 -6.95
N SER A 313 15.39 -16.16 -6.57
CA SER A 313 14.87 -14.96 -5.94
C SER A 313 15.41 -14.74 -4.53
N VAL A 314 15.79 -15.82 -3.84
CA VAL A 314 16.49 -15.70 -2.56
C VAL A 314 17.94 -15.24 -2.75
N ALA A 315 18.65 -15.93 -3.63
CA ALA A 315 20.04 -15.57 -3.97
C ALA A 315 20.23 -14.07 -4.20
N SER A 316 19.35 -13.48 -5.00
CA SER A 316 19.46 -12.06 -5.34
C SER A 316 19.14 -11.17 -4.16
N ARG A 317 18.07 -11.49 -3.46
CA ARG A 317 17.67 -10.70 -2.28
C ARG A 317 18.72 -10.70 -1.17
N ILE A 318 19.41 -11.82 -0.96
CA ILE A 318 20.54 -11.85 -0.02
C ILE A 318 21.71 -10.99 -0.55
N ILE A 319 22.05 -11.16 -1.82
CA ILE A 319 23.12 -10.38 -2.45
C ILE A 319 22.80 -8.91 -2.33
N ALA A 320 21.55 -8.55 -2.64
CA ALA A 320 21.08 -7.17 -2.52
C ALA A 320 21.18 -6.67 -1.07
N PHE A 321 20.78 -7.52 -0.13
CA PHE A 321 20.84 -7.19 1.29
C PHE A 321 22.27 -6.85 1.69
N SER A 322 23.16 -7.79 1.49
CA SER A 322 24.56 -7.63 1.90
C SER A 322 25.25 -6.49 1.16
N ASP A 323 24.97 -6.30 -0.13
CA ASP A 323 25.64 -5.24 -0.90
C ASP A 323 25.21 -3.84 -0.46
N GLN A 324 24.33 -3.21 -1.24
CA GLN A 324 24.18 -1.76 -1.16
C GLN A 324 23.38 -1.34 0.09
N ASP A 325 22.95 -0.08 0.12
CA ASP A 325 21.82 0.38 0.97
C ASP A 325 22.19 1.12 2.27
N GLU A 326 23.47 1.22 2.61
CA GLU A 326 23.89 1.74 3.94
C GLU A 326 23.37 3.14 4.37
N GLU A 327 23.04 4.02 3.41
CA GLU A 327 22.70 5.42 3.72
C GLU A 327 21.20 5.72 3.70
N LYS A 328 20.48 5.11 2.77
CA LYS A 328 19.07 5.41 2.51
C LYS A 328 18.12 4.33 3.06
N TYR A 329 18.67 3.20 3.47
CA TYR A 329 17.91 2.07 3.97
C TYR A 329 18.32 1.76 5.40
N ALA A 330 17.61 0.83 6.04
CA ALA A 330 17.97 0.35 7.37
C ALA A 330 17.87 -1.18 7.43
N ALA A 331 18.79 -1.82 8.16
CA ALA A 331 18.78 -3.27 8.32
C ALA A 331 17.99 -3.67 9.56
N ILE A 332 16.78 -4.14 9.34
CA ILE A 332 15.88 -4.54 10.42
C ILE A 332 15.84 -6.07 10.51
N LEU A 333 16.11 -6.60 11.69
CA LEU A 333 15.86 -8.01 11.98
C LEU A 333 14.52 -8.14 12.64
N SER A 334 13.87 -9.29 12.46
CA SER A 334 12.52 -9.49 12.99
C SER A 334 12.24 -10.92 13.37
N PRO A 335 11.58 -11.15 14.51
CA PRO A 335 11.22 -12.50 14.92
C PRO A 335 9.95 -13.02 14.25
N GLU A 336 9.18 -12.11 13.65
CA GLU A 336 7.87 -12.43 13.08
C GLU A 336 7.95 -13.35 11.86
N ASP A 337 6.98 -14.27 11.78
CA ASP A 337 6.84 -15.19 10.63
C ASP A 337 8.07 -16.08 10.43
N GLY A 338 8.48 -16.73 11.51
CA GLY A 338 9.67 -17.57 11.52
C GLY A 338 10.97 -16.80 11.60
N GLY A 339 10.90 -15.49 11.33
CA GLY A 339 12.08 -14.63 11.26
C GLY A 339 12.29 -14.09 9.85
N TYR A 340 12.85 -12.89 9.76
CA TYR A 340 13.33 -12.35 8.50
C TYR A 340 14.27 -11.17 8.76
N MET A 341 15.15 -10.91 7.81
CA MET A 341 15.93 -9.66 7.80
C MET A 341 15.38 -8.83 6.65
N GLN A 342 15.34 -7.52 6.84
CA GLN A 342 14.73 -6.63 5.86
C GLN A 342 15.63 -5.44 5.52
N ALA A 343 15.58 -5.01 4.26
CA ALA A 343 16.14 -3.74 3.84
C ALA A 343 15.00 -2.71 3.85
N ALA A 344 14.86 -1.99 4.96
CA ALA A 344 13.77 -1.03 5.13
C ALA A 344 14.16 0.27 4.47
N CYS A 345 13.52 0.58 3.34
CA CYS A 345 13.75 1.86 2.68
C CYS A 345 13.18 2.98 3.53
N LEU A 346 14.06 3.86 4.01
CA LEU A 346 13.68 4.96 4.88
C LEU A 346 13.34 6.24 4.11
N ASP A 347 14.02 6.47 2.98
CA ASP A 347 13.79 7.66 2.14
C ASP A 347 13.41 7.27 0.71
N PRO A 348 12.14 7.51 0.32
CA PRO A 348 11.60 7.16 -0.97
C PRO A 348 11.82 8.18 -2.09
N SER A 349 12.60 9.23 -1.83
CA SER A 349 12.88 10.23 -2.85
C SER A 349 13.49 9.61 -4.10
N GLY A 350 14.41 8.66 -3.91
CA GLY A 350 15.13 8.01 -5.01
C GLY A 350 14.33 6.98 -5.79
N ILE A 351 13.30 6.42 -5.16
CA ILE A 351 12.41 5.50 -5.83
C ILE A 351 11.36 6.26 -6.65
N LEU A 352 10.87 7.35 -6.08
CA LEU A 352 9.82 8.15 -6.71
C LEU A 352 10.36 9.11 -7.76
N GLU A 353 11.67 9.35 -7.71
CA GLU A 353 12.34 10.32 -8.58
C GLU A 353 12.00 10.10 -10.05
N VAL A 354 11.90 8.85 -10.47
CA VAL A 354 11.61 8.53 -11.87
C VAL A 354 10.33 9.25 -12.37
N LEU A 355 9.44 9.61 -11.46
CA LEU A 355 8.16 10.23 -11.83
C LEU A 355 8.30 11.63 -12.39
N LYS A 356 9.13 12.46 -11.78
CA LYS A 356 9.31 13.83 -12.26
C LYS A 356 9.95 13.89 -13.67
N GLU A 357 10.39 12.74 -14.17
CA GLU A 357 10.78 12.57 -15.57
C GLU A 357 9.58 12.76 -16.51
N SER A 358 8.38 12.59 -15.96
CA SER A 358 7.14 12.97 -16.62
C SER A 358 6.48 14.10 -15.84
N LYS A 359 5.44 14.68 -16.41
CA LYS A 359 4.64 15.69 -15.73
C LYS A 359 3.73 15.01 -14.71
N THR A 360 3.84 15.41 -13.46
CA THR A 360 3.05 14.84 -12.36
C THR A 360 1.98 15.80 -11.87
N ILE A 361 0.91 15.25 -11.29
CA ILE A 361 -0.13 16.06 -10.66
C ILE A 361 -0.56 15.33 -9.40
N HIS A 362 -0.32 15.94 -8.23
CA HIS A 362 -0.41 15.27 -6.93
C HIS A 362 -1.72 15.58 -6.20
N MET A 363 -2.68 14.68 -6.33
CA MET A 363 -4.05 14.90 -5.82
C MET A 363 -4.20 14.21 -4.48
N SER A 364 -4.82 14.89 -3.51
CA SER A 364 -5.04 14.29 -2.19
C SER A 364 -6.23 14.85 -1.43
N GLY A 365 -6.15 16.11 -1.02
CA GLY A 365 -7.12 16.68 -0.10
C GLY A 365 -6.71 16.53 1.35
N THR A 366 -5.52 15.96 1.57
CA THR A 366 -4.95 15.79 2.90
C THR A 366 -3.43 15.73 2.84
N LEU A 367 -2.79 16.90 2.84
CA LEU A 367 -1.34 17.00 2.97
C LEU A 367 -0.96 18.40 3.52
N ASP A 368 -1.69 18.80 4.57
CA ASP A 368 -1.78 20.20 5.00
C ASP A 368 -0.47 20.99 4.77
N PRO A 369 0.54 20.83 5.66
CA PRO A 369 1.78 21.54 5.33
C PRO A 369 2.52 20.80 4.23
N PHE A 370 2.80 21.50 3.14
CA PHE A 370 3.37 20.88 1.96
C PHE A 370 4.86 20.59 2.11
N ASP A 371 5.57 21.47 2.83
CA ASP A 371 7.02 21.32 3.02
C ASP A 371 7.43 19.88 3.37
N PHE A 372 6.67 19.27 4.29
CA PHE A 372 6.95 17.91 4.73
C PHE A 372 6.83 16.95 3.55
N TYR A 373 5.72 17.06 2.82
CA TYR A 373 5.51 16.23 1.65
C TYR A 373 6.61 16.48 0.62
N SER A 374 6.99 17.74 0.43
CA SER A 374 8.03 18.08 -0.53
C SER A 374 9.39 17.57 -0.08
N ASP A 375 9.72 17.79 1.19
CA ASP A 375 11.01 17.33 1.72
C ASP A 375 11.10 15.81 1.71
N ILE A 376 10.04 15.15 2.19
CA ILE A 376 10.00 13.70 2.25
C ILE A 376 10.04 13.12 0.84
N THR A 377 9.08 13.52 0.02
CA THR A 377 8.95 12.97 -1.34
C THR A 377 10.10 13.44 -2.24
N GLY A 378 10.68 14.58 -1.91
CA GLY A 378 11.74 15.17 -2.74
C GLY A 378 11.18 15.80 -4.00
N PHE A 379 9.96 16.32 -3.91
CA PHE A 379 9.27 16.93 -5.03
C PHE A 379 9.13 18.42 -4.83
N GLU A 380 9.95 19.17 -5.57
CA GLU A 380 9.97 20.63 -5.50
C GLU A 380 8.94 21.17 -6.48
N ILE A 381 7.66 21.12 -6.11
CA ILE A 381 6.58 21.60 -6.99
C ILE A 381 5.71 22.64 -6.30
N PRO A 382 5.00 23.48 -7.09
CA PRO A 382 3.99 24.36 -6.49
C PRO A 382 2.87 23.62 -5.77
N PHE A 383 2.27 24.26 -4.77
CA PHE A 383 1.15 23.71 -4.03
C PHE A 383 -0.02 24.70 -4.03
N LYS A 384 -1.17 24.25 -4.54
CA LYS A 384 -2.38 25.07 -4.56
C LYS A 384 -3.49 24.35 -3.80
N LYS A 385 -4.33 25.12 -3.13
CA LYS A 385 -5.43 24.57 -2.33
C LYS A 385 -6.75 24.70 -3.09
N ILE A 386 -6.79 24.20 -4.32
CA ILE A 386 -7.97 24.29 -5.18
C ILE A 386 -9.12 23.44 -4.64
N GLY A 387 -10.10 24.10 -4.03
CA GLY A 387 -11.28 23.42 -3.54
C GLY A 387 -12.26 24.38 -2.88
N GLU A 388 -13.48 24.44 -3.39
CA GLU A 388 -14.52 25.29 -2.82
C GLU A 388 -14.71 24.93 -1.35
N ILE A 389 -14.52 25.92 -0.47
CA ILE A 389 -14.30 25.67 0.96
C ILE A 389 -15.59 25.37 1.72
N PHE A 390 -15.57 24.28 2.49
CA PHE A 390 -16.68 23.93 3.37
C PHE A 390 -16.59 24.76 4.63
N PRO A 391 -17.74 25.18 5.18
CA PRO A 391 -17.73 26.02 6.38
C PRO A 391 -17.27 25.26 7.61
N PRO A 392 -16.47 25.91 8.48
CA PRO A 392 -15.88 25.22 9.63
C PRO A 392 -16.88 24.89 10.74
N GLU A 393 -18.02 25.58 10.77
CA GLU A 393 -19.08 25.29 11.75
C GLU A 393 -19.86 24.01 11.43
N ASN A 394 -19.75 23.52 10.19
CA ASN A 394 -20.32 22.22 9.80
C ASN A 394 -19.50 21.03 10.28
N ARG A 395 -18.30 21.30 10.80
CA ARG A 395 -17.39 20.27 11.30
C ARG A 395 -17.13 20.52 12.78
N TYR A 396 -16.81 19.46 13.51
CA TYR A 396 -16.41 19.59 14.91
C TYR A 396 -15.23 18.68 15.19
N ILE A 397 -14.06 19.27 15.41
CA ILE A 397 -12.86 18.52 15.77
C ILE A 397 -12.41 18.97 17.15
N ALA A 398 -12.15 18.02 18.04
CA ALA A 398 -11.69 18.34 19.39
C ALA A 398 -10.89 17.19 20.01
N TYR A 399 -10.05 17.53 20.98
CA TYR A 399 -9.26 16.54 21.72
C TYR A 399 -9.53 16.68 23.22
N TYR A 400 -9.21 15.63 23.97
CA TYR A 400 -9.64 15.52 25.38
C TYR A 400 -8.52 15.09 26.33
N ASP A 401 -8.53 15.66 27.55
CA ASP A 401 -7.46 15.43 28.53
C ASP A 401 -7.59 14.07 29.20
N GLY A 402 -8.64 13.92 30.03
CA GLY A 402 -8.82 12.78 30.94
C GLY A 402 -7.88 11.60 30.77
N VAL A 403 -7.99 10.92 29.63
CA VAL A 403 -7.15 9.77 29.33
C VAL A 403 -5.72 10.23 29.05
N SER A 404 -5.01 10.56 30.13
CA SER A 404 -3.64 11.07 30.04
C SER A 404 -2.66 9.92 29.84
N SER A 405 -1.84 10.04 28.79
CA SER A 405 -0.90 8.99 28.40
C SER A 405 0.52 9.32 28.87
N LYS A 406 0.90 8.74 30.02
CA LYS A 406 2.30 8.72 30.47
C LYS A 406 3.01 7.53 29.79
N TYR A 407 2.32 6.39 29.71
CA TYR A 407 2.73 5.27 28.87
C TYR A 407 1.78 5.14 27.68
N ASP A 408 2.24 4.48 26.63
CA ASP A 408 1.46 4.32 25.39
C ASP A 408 0.73 2.97 25.30
N THR A 409 1.19 1.98 26.07
CA THR A 409 0.54 0.67 26.14
C THR A 409 0.63 0.12 27.55
N LEU A 410 0.02 0.84 28.50
CA LEU A 410 -0.01 0.42 29.91
C LEU A 410 -1.10 1.15 30.69
N ASP A 411 -1.14 0.88 32.00
CA ASP A 411 -2.01 1.55 32.97
C ASP A 411 -3.48 1.18 32.77
N GLU A 412 -3.93 0.21 33.55
CA GLU A 412 -5.33 -0.22 33.55
C GLU A 412 -6.25 0.92 33.98
N LYS A 413 -5.83 1.66 35.02
CA LYS A 413 -6.57 2.81 35.54
C LYS A 413 -6.99 3.78 34.44
N GLU A 414 -6.02 4.26 33.67
CA GLU A 414 -6.30 5.21 32.59
C GLU A 414 -7.00 4.55 31.40
N LEU A 415 -7.08 3.23 31.41
CA LEU A 415 -7.86 2.51 30.40
C LEU A 415 -9.36 2.46 30.77
N ASP A 416 -9.68 2.59 32.05
CA ASP A 416 -11.07 2.73 32.49
C ASP A 416 -11.64 4.09 32.08
N ARG A 417 -10.82 5.14 32.19
CA ARG A 417 -11.19 6.47 31.73
C ARG A 417 -11.43 6.48 30.22
N MET A 418 -10.68 5.67 29.49
CA MET A 418 -10.88 5.52 28.05
C MET A 418 -12.23 4.88 27.76
N ALA A 419 -12.61 3.87 28.56
CA ALA A 419 -13.88 3.16 28.35
C ALA A 419 -15.08 4.04 28.71
N THR A 420 -15.00 4.71 29.85
CA THR A 420 -16.11 5.54 30.33
C THR A 420 -16.39 6.71 29.41
N VAL A 421 -15.35 7.43 29.00
CA VAL A 421 -15.52 8.62 28.16
C VAL A 421 -16.15 8.25 26.82
N ILE A 422 -15.67 7.15 26.23
CA ILE A 422 -16.27 6.59 25.02
C ILE A 422 -17.74 6.26 25.24
N GLU A 423 -18.02 5.50 26.29
CA GLU A 423 -19.37 5.05 26.59
C GLU A 423 -20.31 6.24 26.86
N ASP A 424 -19.79 7.29 27.48
CA ASP A 424 -20.56 8.52 27.69
C ASP A 424 -20.92 9.19 26.36
N ILE A 425 -19.95 9.25 25.44
CA ILE A 425 -20.13 9.92 24.15
C ILE A 425 -21.10 9.18 23.23
N ILE A 426 -20.91 7.87 23.08
CA ILE A 426 -21.70 7.08 22.12
C ILE A 426 -23.16 6.95 22.56
N LEU A 427 -23.37 6.64 23.83
CA LEU A 427 -24.74 6.47 24.39
C LEU A 427 -25.54 7.77 24.37
N LYS A 428 -24.87 8.92 24.45
CA LYS A 428 -25.54 10.23 24.47
C LYS A 428 -25.73 10.80 23.06
N VAL A 429 -24.67 10.79 22.25
CA VAL A 429 -24.73 11.29 20.87
C VAL A 429 -25.66 10.46 20.01
N LYS A 430 -25.67 9.14 20.22
CA LYS A 430 -26.60 8.20 19.56
C LYS A 430 -26.54 8.29 18.04
N LYS A 431 -25.32 8.24 17.49
CA LYS A 431 -25.14 8.39 16.04
C LYS A 431 -24.10 7.44 15.46
N ASN A 432 -24.18 7.23 14.14
CA ASN A 432 -23.35 6.25 13.43
C ASN A 432 -21.86 6.50 13.62
N THR A 433 -21.30 5.90 14.66
CA THR A 433 -19.92 6.15 15.05
C THR A 433 -19.00 4.98 14.75
N ILE A 434 -17.76 5.26 14.38
CA ILE A 434 -16.73 4.24 14.34
C ILE A 434 -15.54 4.70 15.17
N VAL A 435 -15.11 3.84 16.10
CA VAL A 435 -14.07 4.17 17.06
C VAL A 435 -12.75 3.50 16.64
N TYR A 436 -11.84 4.30 16.10
CA TYR A 436 -10.53 3.81 15.71
C TYR A 436 -9.59 3.76 16.90
N PHE A 437 -8.95 2.61 17.10
CA PHE A 437 -7.95 2.43 18.13
C PHE A 437 -6.56 2.38 17.50
N PRO A 438 -5.50 2.67 18.28
CA PRO A 438 -4.13 2.57 17.76
C PRO A 438 -3.61 1.13 17.62
N SER A 439 -4.26 0.16 18.26
CA SER A 439 -3.83 -1.24 18.20
C SER A 439 -4.96 -2.22 18.56
N TYR A 440 -4.68 -3.51 18.43
CA TYR A 440 -5.63 -4.56 18.77
C TYR A 440 -5.71 -4.83 20.26
N SER A 441 -4.61 -4.62 20.97
CA SER A 441 -4.57 -4.83 22.43
C SER A 441 -5.44 -3.82 23.18
N LEU A 442 -5.37 -2.55 22.76
CA LEU A 442 -6.18 -1.50 23.38
C LEU A 442 -7.66 -1.64 23.05
N MET A 443 -7.95 -1.99 21.79
CA MET A 443 -9.31 -2.21 21.35
C MET A 443 -9.93 -3.40 22.10
N ASP A 444 -9.16 -4.47 22.25
CA ASP A 444 -9.61 -5.67 22.96
C ASP A 444 -9.75 -5.40 24.46
N ARG A 445 -8.86 -4.58 25.01
CA ARG A 445 -8.95 -4.20 26.42
C ARG A 445 -10.16 -3.31 26.68
N VAL A 446 -10.40 -2.34 25.81
CA VAL A 446 -11.53 -1.43 25.94
C VAL A 446 -12.87 -2.15 25.78
N GLU A 447 -12.97 -3.04 24.79
CA GLU A 447 -14.24 -3.70 24.48
C GLU A 447 -14.80 -4.54 25.65
N ASN A 448 -13.92 -5.14 26.45
CA ASN A 448 -14.37 -5.95 27.60
C ASN A 448 -14.67 -5.09 28.83
N ARG A 449 -14.16 -3.87 28.86
CA ARG A 449 -14.50 -2.90 29.90
C ARG A 449 -15.77 -2.15 29.50
N VAL A 450 -15.91 -1.87 28.21
CA VAL A 450 -17.14 -1.30 27.64
C VAL A 450 -18.30 -2.30 27.69
N SER A 451 -19.52 -1.78 27.75
CA SER A 451 -20.72 -2.62 27.83
C SER A 451 -21.88 -2.04 27.02
N PHE A 452 -21.60 -1.69 25.76
CA PHE A 452 -22.65 -1.33 24.80
C PHE A 452 -22.52 -2.18 23.53
N GLU A 453 -23.65 -2.49 22.91
CA GLU A 453 -23.67 -3.31 21.70
C GLU A 453 -22.95 -2.55 20.58
N HIS A 454 -21.79 -3.08 20.19
CA HIS A 454 -20.90 -2.45 19.22
C HIS A 454 -20.64 -3.42 18.08
N MET A 455 -19.68 -3.10 17.21
CA MET A 455 -19.39 -3.96 16.06
C MET A 455 -17.87 -4.07 15.86
N LYS A 456 -17.31 -5.25 16.17
CA LYS A 456 -15.87 -5.48 16.10
C LYS A 456 -15.30 -5.39 14.68
N GLU A 457 -13.97 -5.39 14.57
CA GLU A 457 -13.29 -5.57 13.29
C GLU A 457 -11.91 -6.18 13.53
N TYR A 458 -11.91 -7.42 14.00
CA TYR A 458 -10.67 -8.10 14.38
C TYR A 458 -9.89 -8.60 13.15
N ARG A 459 -8.61 -8.92 13.37
CA ARG A 459 -7.74 -9.53 12.36
C ARG A 459 -8.39 -10.70 11.64
N GLY A 460 -7.92 -10.97 10.42
CA GLY A 460 -8.52 -11.97 9.54
C GLY A 460 -9.10 -11.25 8.33
N ILE A 461 -9.91 -10.22 8.60
CA ILE A 461 -10.45 -9.32 7.58
C ILE A 461 -11.42 -10.02 6.62
N ASP A 462 -10.88 -10.81 5.68
CA ASP A 462 -11.61 -11.40 4.53
C ASP A 462 -12.74 -10.52 3.94
N GLN A 463 -12.66 -10.29 2.63
CA GLN A 463 -13.52 -9.32 1.93
C GLN A 463 -15.02 -9.52 2.16
N LYS A 464 -15.44 -10.77 2.30
CA LYS A 464 -16.87 -11.09 2.47
C LYS A 464 -17.43 -10.57 3.80
N GLU A 465 -16.74 -10.88 4.89
CA GLU A 465 -17.20 -10.49 6.22
C GLU A 465 -17.04 -8.99 6.50
N LEU A 466 -16.25 -8.29 5.68
CA LEU A 466 -16.14 -6.83 5.76
C LEU A 466 -17.45 -6.15 5.32
N TYR A 467 -18.09 -6.72 4.29
CA TYR A 467 -19.37 -6.23 3.80
C TYR A 467 -20.53 -6.58 4.75
N SER A 468 -20.47 -7.77 5.35
CA SER A 468 -21.51 -8.21 6.28
C SER A 468 -21.73 -7.20 7.41
N MET A 469 -20.65 -6.62 7.91
CA MET A 469 -20.74 -5.57 8.91
C MET A 469 -21.11 -4.23 8.29
N LEU A 470 -20.47 -3.89 7.17
CA LEU A 470 -20.77 -2.66 6.44
C LEU A 470 -22.24 -2.59 6.00
N LYS A 471 -22.86 -3.74 5.75
CA LYS A 471 -24.29 -3.80 5.45
C LYS A 471 -25.12 -3.34 6.65
N LYS A 472 -24.78 -3.82 7.84
CA LYS A 472 -25.52 -3.45 9.05
C LYS A 472 -25.11 -2.07 9.60
N PHE A 473 -23.99 -1.54 9.10
CA PHE A 473 -23.51 -0.21 9.47
C PHE A 473 -24.33 0.89 8.79
N ARG A 474 -24.35 0.87 7.47
CA ARG A 474 -25.14 1.84 6.69
C ARG A 474 -26.63 1.79 7.03
N ARG A 475 -27.15 0.59 7.30
CA ARG A 475 -28.58 0.36 7.45
C ARG A 475 -29.14 0.82 8.80
N ASP A 476 -28.71 0.17 9.88
CA ASP A 476 -29.29 0.38 11.21
C ASP A 476 -28.23 0.65 12.26
N HIS A 477 -28.68 0.89 13.50
CA HIS A 477 -27.82 0.97 14.68
C HIS A 477 -26.72 2.05 14.55
N GLY A 478 -25.46 1.73 14.87
CA GLY A 478 -24.42 2.76 14.84
C GLY A 478 -22.97 2.33 14.97
N THR A 479 -22.59 1.87 16.17
CA THR A 479 -21.18 1.82 16.56
C THR A 479 -20.34 0.70 15.95
N ILE A 480 -19.09 1.02 15.60
CA ILE A 480 -18.11 0.06 15.06
C ILE A 480 -16.73 0.31 15.66
N PHE A 481 -16.06 -0.76 16.11
CA PHE A 481 -14.65 -0.67 16.50
C PHE A 481 -13.73 -1.04 15.34
N ALA A 482 -12.58 -0.37 15.26
CA ALA A 482 -11.58 -0.63 14.23
C ALA A 482 -10.19 -0.14 14.69
N VAL A 483 -9.15 -0.83 14.26
CA VAL A 483 -7.78 -0.35 14.46
C VAL A 483 -7.50 0.62 13.31
N SER A 484 -6.95 1.78 13.64
CA SER A 484 -6.83 2.88 12.68
C SER A 484 -6.27 2.42 11.33
N GLY A 485 -5.05 1.87 11.36
CA GLY A 485 -4.35 1.48 10.13
C GLY A 485 -5.00 0.37 9.32
N GLY A 486 -6.05 -0.25 9.86
CA GLY A 486 -6.71 -1.38 9.22
C GLY A 486 -7.49 -1.06 7.96
N ARG A 487 -8.34 -2.01 7.55
CA ARG A 487 -8.98 -1.99 6.23
C ARG A 487 -10.34 -1.29 6.20
N LEU A 488 -10.75 -0.70 7.32
CA LEU A 488 -11.94 0.17 7.34
C LEU A 488 -11.61 1.57 6.84
N SER A 489 -10.34 1.80 6.53
CA SER A 489 -9.89 3.07 5.96
C SER A 489 -10.35 3.23 4.50
N GLU A 490 -10.78 2.15 3.87
CA GLU A 490 -11.30 2.19 2.49
C GLU A 490 -12.83 2.31 2.45
N GLY A 491 -13.37 3.24 3.25
CA GLY A 491 -14.81 3.44 3.35
C GLY A 491 -15.47 2.40 4.23
N ASN A 497 -23.02 10.15 4.07
CA ASN A 497 -24.21 9.30 4.17
C ASN A 497 -24.30 8.58 5.52
N GLU A 498 -23.41 7.61 5.71
CA GLU A 498 -23.51 6.67 6.82
C GLU A 498 -22.80 7.25 8.04
N LEU A 499 -21.53 7.62 7.85
CA LEU A 499 -20.71 8.12 8.94
C LEU A 499 -21.20 9.46 9.46
N GLU A 500 -20.73 9.82 10.67
CA GLU A 500 -21.30 10.94 11.41
C GLU A 500 -20.37 11.37 12.57
N MET A 501 -19.85 10.40 13.32
CA MET A 501 -18.88 10.69 14.37
C MET A 501 -17.69 9.72 14.35
N ILE A 502 -16.50 10.24 14.62
CA ILE A 502 -15.29 9.44 14.76
C ILE A 502 -14.66 9.67 16.14
N ILE A 503 -14.40 8.58 16.85
CA ILE A 503 -13.75 8.66 18.15
C ILE A 503 -12.38 7.99 18.06
N LEU A 504 -11.33 8.80 17.88
CA LEU A 504 -9.96 8.28 17.90
C LEU A 504 -9.58 7.93 19.33
N ALA A 505 -9.78 6.67 19.70
CA ALA A 505 -9.51 6.20 21.06
C ALA A 505 -8.01 6.07 21.31
N GLY A 506 -7.33 7.22 21.33
CA GLY A 506 -5.88 7.26 21.33
C GLY A 506 -5.43 7.81 20.00
N LEU A 507 -4.42 8.67 20.04
CA LEU A 507 -3.87 9.31 18.84
C LEU A 507 -3.10 8.25 18.06
N PRO A 508 -3.40 8.10 16.75
CA PRO A 508 -2.87 6.98 15.99
C PRO A 508 -1.40 7.16 15.59
N PHE A 509 -0.51 7.09 16.58
CA PHE A 509 0.92 7.18 16.33
C PHE A 509 1.42 5.91 15.64
N PRO A 510 2.51 6.03 14.84
CA PRO A 510 3.20 4.84 14.39
C PRO A 510 3.73 4.03 15.57
N ARG A 511 3.86 2.72 15.41
CA ARG A 511 4.29 1.86 16.50
C ARG A 511 5.80 2.03 16.75
N PRO A 512 6.26 1.77 17.99
CA PRO A 512 7.68 1.71 18.36
C PRO A 512 8.55 0.73 17.55
N ASP A 513 8.33 0.67 16.23
CA ASP A 513 9.11 -0.16 15.33
C ASP A 513 10.59 0.20 15.38
N ALA A 514 11.43 -0.72 14.94
CA ALA A 514 12.80 -0.39 14.58
C ALA A 514 12.79 0.55 13.38
N ILE A 515 11.89 0.28 12.43
CA ILE A 515 11.74 1.11 11.24
C ILE A 515 11.41 2.56 11.61
N ASN A 516 10.35 2.76 12.39
CA ASN A 516 9.95 4.10 12.81
C ASN A 516 11.02 4.77 13.68
N ARG A 517 11.74 3.97 14.46
CA ARG A 517 12.95 4.42 15.15
C ARG A 517 14.02 4.87 14.15
N SER A 518 14.22 4.08 13.11
CA SER A 518 15.20 4.43 12.07
C SER A 518 14.80 5.70 11.34
N LEU A 519 13.51 5.80 11.00
CA LEU A 519 12.99 7.00 10.32
C LEU A 519 13.23 8.25 11.15
N PHE A 520 13.05 8.15 12.46
CA PHE A 520 13.29 9.27 13.35
C PHE A 520 14.75 9.72 13.23
N ASP A 521 15.67 8.77 13.40
CA ASP A 521 17.10 9.03 13.27
C ASP A 521 17.44 9.67 11.93
N TYR A 522 16.83 9.17 10.85
CA TYR A 522 17.10 9.69 9.52
C TYR A 522 16.71 11.17 9.43
N TYR A 523 15.49 11.50 9.87
CA TYR A 523 15.01 12.88 9.82
C TYR A 523 15.45 13.68 11.05
N GLU A 524 16.29 13.08 11.90
CA GLU A 524 17.01 13.84 12.93
C GLU A 524 18.36 14.26 12.41
N ARG A 525 19.06 13.32 11.77
CA ARG A 525 20.37 13.60 11.17
C ARG A 525 20.29 14.53 9.95
N LYS A 526 19.09 14.70 9.39
CA LYS A 526 18.93 15.46 8.14
C LYS A 526 18.23 16.81 8.32
N TYR A 527 17.24 16.89 9.21
CA TYR A 527 16.51 18.15 9.44
C TYR A 527 16.46 18.61 10.91
N GLY A 528 17.01 17.82 11.84
CA GLY A 528 16.90 18.12 13.25
C GLY A 528 15.46 18.16 13.74
N LYS A 529 14.61 17.38 13.06
CA LYS A 529 13.18 17.31 13.36
C LYS A 529 12.66 15.92 13.03
N GLY A 530 13.26 14.90 13.65
CA GLY A 530 12.82 13.52 13.47
C GLY A 530 11.41 13.31 13.98
N TRP A 531 11.05 14.05 15.02
CA TRP A 531 9.72 13.98 15.59
C TRP A 531 8.67 14.50 14.62
N GLU A 532 8.93 15.69 14.07
CA GLU A 532 7.98 16.36 13.20
C GLU A 532 7.81 15.58 11.89
N TYR A 533 8.90 15.00 11.39
CA TYR A 533 8.88 14.31 10.10
C TYR A 533 8.39 12.85 10.18
N SER A 534 8.78 12.13 11.23
CA SER A 534 8.53 10.68 11.30
C SER A 534 7.40 10.27 12.26
N VAL A 535 6.91 11.19 13.07
CA VAL A 535 5.82 10.90 14.01
C VAL A 535 4.61 11.82 13.80
N VAL A 536 4.82 13.13 13.91
CA VAL A 536 3.68 14.05 13.84
C VAL A 536 3.07 14.13 12.45
N TYR A 537 3.84 14.60 11.46
CA TYR A 537 3.26 14.87 10.15
C TYR A 537 2.48 13.67 9.60
N PRO A 538 3.04 12.46 9.67
CA PRO A 538 2.29 11.30 9.20
C PRO A 538 1.01 11.07 10.00
N THR A 539 1.07 11.29 11.32
CA THR A 539 -0.09 11.14 12.19
C THR A 539 -1.16 12.19 11.88
N ALA A 540 -0.73 13.42 11.63
CA ALA A 540 -1.67 14.47 11.27
C ALA A 540 -2.38 14.12 9.98
N ILE A 541 -1.63 13.57 9.03
CA ILE A 541 -2.18 13.21 7.74
C ILE A 541 -3.11 11.99 7.87
N LYS A 542 -2.85 11.13 8.86
CA LYS A 542 -3.74 10.02 9.16
C LYS A 542 -5.04 10.52 9.75
N ILE A 543 -4.95 11.56 10.57
CA ILE A 543 -6.14 12.12 11.24
C ILE A 543 -7.03 12.83 10.23
N ARG A 544 -6.51 13.90 9.65
CA ARG A 544 -7.16 14.63 8.55
C ARG A 544 -7.91 13.73 7.58
N GLN A 545 -7.35 12.55 7.32
CA GLN A 545 -7.98 11.58 6.43
C GLN A 545 -9.30 11.06 6.98
N GLU A 546 -9.37 10.79 8.28
CA GLU A 546 -10.62 10.35 8.91
C GLU A 546 -11.64 11.48 8.93
N ILE A 547 -11.17 12.67 9.30
CA ILE A 547 -11.98 13.87 9.23
C ILE A 547 -12.49 14.09 7.81
N GLY A 548 -11.63 13.84 6.83
CA GLY A 548 -11.96 14.02 5.42
C GLY A 548 -12.97 13.01 4.91
N ARG A 549 -12.85 11.77 5.35
CA ARG A 549 -13.77 10.71 4.94
C ARG A 549 -15.08 10.76 5.72
N LEU A 550 -15.13 11.61 6.75
CA LEU A 550 -16.37 11.86 7.49
C LEU A 550 -17.20 12.92 6.77
N ILE A 551 -16.56 14.03 6.40
CA ILE A 551 -17.22 15.14 5.69
C ILE A 551 -16.72 15.22 4.26
N ARG A 552 -17.55 14.79 3.33
CA ARG A 552 -17.21 14.87 1.90
C ARG A 552 -17.91 16.04 1.19
N SER A 553 -19.14 16.35 1.59
CA SER A 553 -19.92 17.41 0.95
C SER A 553 -19.82 18.73 1.70
N ALA A 554 -20.32 19.80 1.06
CA ALA A 554 -20.44 21.11 1.69
C ALA A 554 -21.71 21.22 2.55
N GLU A 555 -22.59 20.23 2.44
CA GLU A 555 -23.80 20.15 3.26
C GLU A 555 -23.76 18.98 4.25
N ASP A 556 -22.69 18.18 4.22
CA ASP A 556 -22.56 17.05 5.14
C ASP A 556 -21.93 17.52 6.43
N THR A 557 -22.33 16.87 7.53
CA THR A 557 -21.89 17.26 8.86
C THR A 557 -21.26 16.08 9.59
N GLY A 558 -20.54 16.37 10.66
CA GLY A 558 -19.91 15.33 11.47
C GLY A 558 -19.02 15.86 12.57
N ALA A 559 -18.61 14.96 13.47
CA ALA A 559 -17.72 15.29 14.58
C ALA A 559 -16.56 14.30 14.62
N CYS A 560 -15.50 14.67 15.33
CA CYS A 560 -14.31 13.84 15.43
C CYS A 560 -13.51 14.20 16.68
N VAL A 561 -13.60 13.36 17.71
CA VAL A 561 -12.89 13.60 18.96
C VAL A 561 -11.63 12.76 19.01
N ILE A 562 -10.65 13.27 19.76
CA ILE A 562 -9.41 12.55 20.00
C ILE A 562 -9.23 12.45 21.51
N LEU A 563 -9.18 11.22 22.02
CA LEU A 563 -8.92 11.00 23.43
C LEU A 563 -7.41 10.91 23.62
N ASP A 564 -6.77 12.06 23.86
CA ASP A 564 -5.31 12.10 24.05
C ASP A 564 -4.82 13.43 24.67
N LYS A 565 -3.93 13.32 25.64
CA LYS A 565 -3.37 14.49 26.34
C LYS A 565 -2.37 15.28 25.48
N ARG A 566 -1.68 14.60 24.57
CA ARG A 566 -0.72 15.26 23.68
C ARG A 566 -1.28 15.45 22.26
N ALA A 567 -2.59 15.60 22.16
CA ALA A 567 -3.25 15.90 20.88
C ALA A 567 -3.19 17.39 20.55
N GLY A 568 -2.82 18.21 21.54
CA GLY A 568 -2.66 19.65 21.34
C GLY A 568 -1.68 19.99 20.25
N GLN A 569 -0.60 19.21 20.16
CA GLN A 569 0.41 19.37 19.10
C GLN A 569 -0.22 19.72 17.77
N PHE A 570 -1.29 18.98 17.43
CA PHE A 570 -1.84 18.95 16.09
C PHE A 570 -2.78 20.10 15.71
N ARG A 571 -2.72 21.21 16.46
CA ARG A 571 -3.51 22.39 16.13
C ARG A 571 -2.94 23.09 14.90
N LYS A 572 -1.61 23.11 14.77
CA LYS A 572 -0.97 23.76 13.64
C LYS A 572 -1.11 22.96 12.35
N PHE A 573 -1.51 21.70 12.48
CA PHE A 573 -1.90 20.88 11.34
C PHE A 573 -3.41 20.92 11.11
N ILE A 574 -4.18 21.14 12.18
CA ILE A 574 -5.63 21.21 12.10
C ILE A 574 -6.11 22.51 12.75
N PRO A 575 -6.22 23.58 11.95
CA PRO A 575 -6.42 24.94 12.47
C PRO A 575 -7.82 25.25 13.04
N ASP A 576 -8.74 24.28 13.02
CA ASP A 576 -10.08 24.46 13.59
C ASP A 576 -10.41 23.47 14.70
N MET A 577 -9.42 22.70 15.14
CA MET A 577 -9.61 21.79 16.28
C MET A 577 -9.83 22.61 17.55
N LYS A 578 -10.71 22.10 18.41
CA LYS A 578 -10.97 22.71 19.71
C LYS A 578 -10.44 21.75 20.79
N LYS A 579 -10.66 22.11 22.05
CA LYS A 579 -10.36 21.22 23.16
C LYS A 579 -11.62 21.07 24.01
N THR A 580 -11.79 19.92 24.65
CA THR A 580 -12.97 19.70 25.49
C THR A 580 -12.61 19.00 26.80
N SER A 581 -13.38 19.30 27.85
CA SER A 581 -13.33 18.55 29.11
C SER A 581 -14.58 17.68 29.27
N ASP A 582 -15.70 18.11 28.69
CA ASP A 582 -16.89 17.26 28.59
C ASP A 582 -17.24 17.07 27.11
N PRO A 583 -16.57 16.12 26.44
CA PRO A 583 -16.80 15.91 25.00
C PRO A 583 -18.19 15.37 24.68
N ALA A 584 -18.70 14.47 25.52
CA ALA A 584 -20.04 13.92 25.33
C ALA A 584 -21.06 15.02 25.12
N SER A 585 -21.12 15.96 26.04
CA SER A 585 -22.11 17.04 25.98
C SER A 585 -21.85 18.03 24.84
N ASP A 586 -20.59 18.41 24.64
CA ASP A 586 -20.24 19.39 23.58
C ASP A 586 -20.56 18.87 22.17
N ILE A 587 -20.32 17.58 21.95
CA ILE A 587 -20.66 16.95 20.66
C ILE A 587 -22.18 16.89 20.48
N TYR A 588 -22.91 16.58 21.55
CA TYR A 588 -24.37 16.60 21.53
C TYR A 588 -24.86 18.02 21.24
N ASN A 589 -24.29 19.00 21.94
CA ASN A 589 -24.62 20.40 21.71
C ASN A 589 -24.26 20.83 20.28
N PHE A 590 -23.17 20.27 19.73
CA PHE A 590 -22.80 20.54 18.33
C PHE A 590 -23.84 19.99 17.36
N PHE A 591 -24.28 18.75 17.59
CA PHE A 591 -25.24 18.11 16.70
C PHE A 591 -26.64 18.73 16.75
N ILE A 592 -27.01 19.28 17.91
CA ILE A 592 -28.25 20.04 18.01
C ILE A 592 -28.17 21.29 17.13
N SER A 593 -27.04 21.98 17.17
CA SER A 593 -26.79 23.14 16.33
C SER A 593 -26.79 22.78 14.84
N ALA A 594 -26.29 21.59 14.53
CA ALA A 594 -26.29 21.10 13.14
C ALA A 594 -27.71 20.87 12.65
N GLN A 595 -28.48 20.08 13.40
CA GLN A 595 -29.88 19.76 13.07
C GLN A 595 -30.65 21.00 12.66
N ALA A 596 -30.55 22.05 13.49
CA ALA A 596 -31.20 23.32 13.22
C ALA A 596 -31.37 23.60 11.73
N ARG A 597 -30.28 23.48 10.98
CA ARG A 597 -30.28 23.78 9.54
C ARG A 597 -30.31 22.50 8.71
FE1 SF4 B . -1.68 -16.00 -18.84
FE2 SF4 B . -2.64 -17.08 -21.12
FE3 SF4 B . -0.72 -15.21 -21.23
FE4 SF4 B . -3.21 -14.53 -20.58
S1 SF4 B . -2.56 -15.33 -22.61
S2 SF4 B . -1.29 -13.83 -19.49
S3 SF4 B . -3.90 -16.34 -19.35
S4 SF4 B . -0.49 -17.31 -20.30
CA CA C . 16.59 -15.36 -14.78
#